data_1HTM
#
_entry.id   1HTM
#
_cell.length_a   168.700
_cell.length_b   231.700
_cell.length_c   53.800
_cell.angle_alpha   90.00
_cell.angle_beta   90.00
_cell.angle_gamma   90.00
#
_symmetry.space_group_name_H-M   'C 2 2 21'
#
loop_
_entity.id
_entity.type
_entity.pdbx_description
1 polymer 'HEMAGGLUTININ HA1 CHAIN'
2 polymer 'HEMAGGLUTININ HA2 CHAIN'
3 water water
#
loop_
_entity_poly.entity_id
_entity_poly.type
_entity_poly.pdbx_seq_one_letter_code
_entity_poly.pdbx_strand_id
1 'polypeptide(L)' QDLPGNDNSTATLCLGHHAVPNGTLVK A,C,E
2 'polypeptide(L)'
;LKSTQAAIDQINGKLNRVIEKTNEKFHQIEKEFSEVEGRIQDLEKYVEDTKIDLWSYNAELLVALENQHTIDLTDSEMNK
LFEKTRRQLRENAEEMGNGCFKIYHKCDNACIESIRNGTYDHDVYRDEALNNRFQIKG
;
B,D,F
#
# COMPACT_ATOMS: atom_id res chain seq x y z
N THR A 12 -5.87 21.36 -13.02
CA THR A 12 -5.30 21.43 -14.39
C THR A 12 -3.83 21.87 -14.31
N LEU A 13 -2.95 21.09 -14.93
CA LEU A 13 -1.53 21.36 -14.95
C LEU A 13 -1.16 21.42 -16.41
N CYS A 14 -0.50 22.49 -16.80
CA CYS A 14 -0.10 22.60 -18.18
C CYS A 14 1.41 22.71 -18.27
N LEU A 15 1.99 21.82 -19.05
CA LEU A 15 3.44 21.76 -19.26
C LEU A 15 3.76 22.45 -20.57
N GLY A 16 4.90 22.08 -21.14
CA GLY A 16 5.33 22.64 -22.42
C GLY A 16 5.61 21.51 -23.39
N SER B 3 -37.08 -43.04 24.74
CA SER B 3 -35.60 -42.76 24.73
C SER B 3 -34.84 -42.82 23.40
N THR B 4 -35.07 -43.83 22.55
CA THR B 4 -34.35 -43.83 21.28
C THR B 4 -34.86 -42.62 20.52
N GLN B 5 -36.17 -42.43 20.57
CA GLN B 5 -36.77 -41.27 19.93
C GLN B 5 -36.14 -40.05 20.60
N ALA B 6 -36.16 -39.99 21.91
CA ALA B 6 -35.57 -38.85 22.60
C ALA B 6 -34.15 -38.62 22.16
N ALA B 7 -33.43 -39.72 22.03
CA ALA B 7 -32.05 -39.65 21.65
C ALA B 7 -31.89 -39.09 20.26
N ILE B 8 -32.76 -39.50 19.38
CA ILE B 8 -32.66 -39.03 18.02
C ILE B 8 -33.08 -37.54 17.96
N ASP B 9 -34.01 -37.20 18.84
CA ASP B 9 -34.52 -35.86 18.91
C ASP B 9 -33.40 -34.99 19.36
N GLN B 10 -32.65 -35.43 20.38
CA GLN B 10 -31.50 -34.64 20.86
C GLN B 10 -30.42 -34.39 19.83
N ILE B 11 -29.93 -35.47 19.21
CA ILE B 11 -28.87 -35.36 18.23
C ILE B 11 -29.36 -34.42 17.19
N ASN B 12 -30.64 -34.48 16.86
CA ASN B 12 -31.11 -33.55 15.85
C ASN B 12 -31.16 -32.11 16.41
N GLY B 13 -31.41 -31.94 17.71
CA GLY B 13 -31.41 -30.60 18.30
C GLY B 13 -29.97 -30.10 18.31
N LYS B 14 -29.04 -30.88 18.87
CA LYS B 14 -27.66 -30.49 18.92
C LYS B 14 -27.06 -30.11 17.60
N LEU B 15 -27.39 -30.92 16.63
CA LEU B 15 -26.92 -30.77 15.28
C LEU B 15 -27.45 -29.53 14.61
N ASN B 16 -28.60 -29.04 15.05
CA ASN B 16 -29.14 -27.83 14.45
C ASN B 16 -28.52 -26.62 15.12
N ARG B 17 -28.00 -26.82 16.33
CA ARG B 17 -27.33 -25.74 17.03
C ARG B 17 -26.10 -25.46 16.20
N VAL B 18 -25.36 -26.53 15.90
CA VAL B 18 -24.15 -26.43 15.10
C VAL B 18 -24.36 -25.77 13.75
N ILE B 19 -25.45 -26.06 13.08
CA ILE B 19 -25.71 -25.48 11.76
C ILE B 19 -25.87 -24.02 11.97
N GLU B 20 -26.71 -23.68 12.94
CA GLU B 20 -27.02 -22.29 13.25
C GLU B 20 -25.76 -21.47 13.64
N LYS B 21 -24.94 -21.95 14.57
CA LYS B 21 -23.70 -21.29 14.97
C LYS B 21 -22.76 -21.12 13.78
N THR B 22 -22.39 -22.21 13.13
CA THR B 22 -21.54 -22.12 11.97
C THR B 22 -22.09 -21.19 10.87
N ASN B 23 -23.40 -21.23 10.59
CA ASN B 23 -23.96 -20.36 9.52
C ASN B 23 -23.71 -18.91 9.75
N GLU B 24 -23.94 -18.49 10.99
CA GLU B 24 -23.73 -17.12 11.42
C GLU B 24 -22.27 -16.70 11.41
N LYS B 25 -21.39 -17.53 11.98
CA LYS B 25 -19.98 -17.24 12.00
C LYS B 25 -19.48 -17.03 10.59
N PHE B 26 -20.04 -17.78 9.64
CA PHE B 26 -19.60 -17.67 8.25
C PHE B 26 -19.96 -16.33 7.69
N HIS B 27 -21.11 -15.82 8.07
CA HIS B 27 -21.62 -14.53 7.59
C HIS B 27 -20.79 -13.38 8.16
N GLN B 28 -20.27 -13.63 9.36
CA GLN B 28 -19.40 -12.70 10.05
C GLN B 28 -18.10 -12.70 9.25
N ILE B 29 -17.60 -13.88 8.93
CA ILE B 29 -16.38 -13.98 8.17
C ILE B 29 -16.53 -13.34 6.82
N GLU B 30 -17.70 -13.40 6.26
CA GLU B 30 -17.91 -12.81 4.98
C GLU B 30 -17.91 -11.30 5.11
N LYS B 31 -18.43 -10.79 6.23
CA LYS B 31 -18.47 -9.36 6.46
C LYS B 31 -17.07 -8.75 6.68
N GLU B 32 -16.22 -9.45 7.46
CA GLU B 32 -14.87 -9.00 7.69
C GLU B 32 -14.12 -8.98 6.37
N PHE B 33 -14.24 -10.03 5.56
CA PHE B 33 -13.62 -10.06 4.22
C PHE B 33 -14.00 -8.83 3.43
N SER B 34 -15.26 -8.42 3.47
CA SER B 34 -15.63 -7.23 2.73
C SER B 34 -14.97 -6.00 3.29
N GLU B 35 -14.83 -5.91 4.61
CA GLU B 35 -14.19 -4.74 5.20
C GLU B 35 -12.72 -4.70 4.80
N VAL B 36 -11.98 -5.79 5.03
CA VAL B 36 -10.55 -5.89 4.72
C VAL B 36 -10.31 -5.50 3.28
N GLU B 37 -10.98 -6.17 2.37
CA GLU B 37 -10.84 -5.86 0.96
C GLU B 37 -11.24 -4.41 0.76
N GLY B 38 -11.99 -3.88 1.70
CA GLY B 38 -12.42 -2.49 1.61
C GLY B 38 -11.24 -1.60 1.86
N ARG B 39 -10.54 -1.85 2.96
CA ARG B 39 -9.36 -1.05 3.27
C ARG B 39 -8.39 -1.11 2.11
N ILE B 40 -8.05 -2.31 1.64
CA ILE B 40 -7.09 -2.47 0.55
C ILE B 40 -7.40 -1.63 -0.66
N GLN B 41 -8.65 -1.60 -1.08
CA GLN B 41 -8.96 -0.80 -2.25
C GLN B 41 -8.88 0.70 -1.94
N ASP B 42 -9.01 1.08 -0.67
CA ASP B 42 -8.92 2.48 -0.30
C ASP B 42 -7.47 2.83 -0.28
N LEU B 43 -6.68 2.03 0.45
CA LEU B 43 -5.22 2.22 0.58
C LEU B 43 -4.53 2.33 -0.74
N GLU B 44 -4.92 1.48 -1.69
CA GLU B 44 -4.31 1.58 -2.99
C GLU B 44 -4.76 2.86 -3.72
N LYS B 45 -6.00 3.32 -3.55
CA LYS B 45 -6.43 4.59 -4.20
C LYS B 45 -5.61 5.76 -3.70
N TYR B 46 -5.25 5.66 -2.42
CA TYR B 46 -4.43 6.65 -1.72
C TYR B 46 -2.97 6.63 -2.23
N VAL B 47 -2.37 5.45 -2.29
CA VAL B 47 -1.02 5.32 -2.82
C VAL B 47 -1.01 5.93 -4.23
N GLU B 48 -2.03 5.66 -5.02
CA GLU B 48 -2.13 6.22 -6.35
C GLU B 48 -2.20 7.73 -6.28
N ASP B 49 -3.16 8.27 -5.52
CA ASP B 49 -3.34 9.75 -5.33
C ASP B 49 -2.07 10.45 -4.86
N THR B 50 -1.40 9.81 -3.90
CA THR B 50 -0.16 10.22 -3.33
C THR B 50 0.88 10.31 -4.42
N LYS B 51 0.97 9.26 -5.22
CA LYS B 51 1.95 9.23 -6.29
C LYS B 51 1.77 10.29 -7.38
N ILE B 52 0.55 10.57 -7.82
CA ILE B 52 0.45 11.59 -8.87
C ILE B 52 0.66 12.99 -8.30
N ASP B 53 0.46 13.11 -7.01
CA ASP B 53 0.69 14.39 -6.40
C ASP B 53 2.18 14.70 -6.59
N LEU B 54 3.01 13.82 -6.03
CA LEU B 54 4.45 13.98 -6.06
C LEU B 54 5.01 14.09 -7.49
N TRP B 55 4.44 13.36 -8.45
CA TRP B 55 4.91 13.44 -9.83
C TRP B 55 4.43 14.72 -10.51
N SER B 56 3.27 15.22 -10.13
CA SER B 56 2.75 16.43 -10.74
C SER B 56 3.51 17.66 -10.23
N TYR B 57 4.11 17.53 -9.06
CA TYR B 57 4.93 18.59 -8.46
C TYR B 57 6.25 18.62 -9.24
N ASN B 58 6.85 17.45 -9.43
CA ASN B 58 8.08 17.33 -10.18
C ASN B 58 7.99 17.99 -11.54
N ALA B 59 6.92 17.72 -12.29
CA ALA B 59 6.74 18.35 -13.58
C ALA B 59 6.64 19.86 -13.41
N GLU B 60 5.85 20.31 -12.45
CA GLU B 60 5.68 21.73 -12.16
C GLU B 60 6.99 22.41 -11.84
N LEU B 61 7.80 21.81 -10.97
CA LEU B 61 9.08 22.40 -10.63
C LEU B 61 9.92 22.64 -11.91
N LEU B 62 9.92 21.66 -12.83
CA LEU B 62 10.65 21.74 -14.09
C LEU B 62 10.10 22.85 -14.90
N VAL B 63 8.79 22.90 -14.98
CA VAL B 63 8.15 23.94 -15.75
C VAL B 63 8.42 25.31 -15.09
N ALA B 64 8.74 25.32 -13.80
CA ALA B 64 8.99 26.57 -13.11
C ALA B 64 10.35 27.08 -13.51
N LEU B 65 11.35 26.23 -13.33
CA LEU B 65 12.73 26.56 -13.65
C LEU B 65 12.99 26.92 -15.11
N GLU B 66 12.23 26.36 -16.06
CA GLU B 66 12.46 26.68 -17.45
C GLU B 66 11.91 28.07 -17.79
N ASN B 67 11.01 28.57 -16.95
CA ASN B 67 10.41 29.90 -17.18
C ASN B 67 11.35 31.02 -16.82
N GLN B 68 12.09 30.84 -15.74
CA GLN B 68 13.05 31.84 -15.29
C GLN B 68 14.44 31.44 -15.88
N HIS B 69 14.38 30.68 -16.96
CA HIS B 69 15.54 30.15 -17.63
C HIS B 69 16.65 29.62 -16.77
N THR B 70 16.30 28.94 -15.69
CA THR B 70 17.31 28.36 -14.83
C THR B 70 17.86 27.09 -15.43
N ILE B 71 17.02 26.40 -16.20
CA ILE B 71 17.43 25.15 -16.85
C ILE B 71 16.94 25.08 -18.27
N ASP B 72 17.53 24.15 -19.01
CA ASP B 72 17.20 23.87 -20.40
C ASP B 72 16.51 22.52 -20.46
N LEU B 73 15.25 22.51 -20.90
CA LEU B 73 14.50 21.28 -20.97
C LEU B 73 14.65 20.59 -22.32
N THR B 74 15.24 21.27 -23.28
CA THR B 74 15.45 20.66 -24.56
C THR B 74 16.80 19.95 -24.53
N ASP B 75 17.65 20.35 -23.59
CA ASP B 75 18.91 19.71 -23.38
C ASP B 75 18.49 18.24 -23.23
N SER B 76 19.38 17.30 -23.56
CA SER B 76 19.06 15.89 -23.51
C SER B 76 18.90 15.31 -22.11
N GLU B 77 20.00 15.21 -21.37
CA GLU B 77 19.95 14.68 -20.01
C GLU B 77 18.75 15.23 -19.26
N MET B 78 18.49 16.53 -19.41
CA MET B 78 17.37 17.17 -18.75
C MET B 78 16.07 16.89 -19.45
N ASN B 79 16.10 16.60 -20.75
CA ASN B 79 14.83 16.31 -21.40
C ASN B 79 14.26 14.97 -20.93
N LYS B 80 15.18 14.05 -20.60
CA LYS B 80 14.83 12.72 -20.07
C LYS B 80 13.89 12.94 -18.88
N LEU B 81 14.48 13.42 -17.78
CA LEU B 81 13.77 13.75 -16.55
C LEU B 81 12.45 14.42 -16.86
N PHE B 82 12.46 15.44 -17.72
CA PHE B 82 11.19 16.07 -18.03
C PHE B 82 10.15 15.13 -18.59
N GLU B 83 10.55 14.28 -19.53
CA GLU B 83 9.58 13.34 -20.10
C GLU B 83 9.15 12.29 -19.07
N LYS B 84 10.04 11.92 -18.15
CA LYS B 84 9.71 10.99 -17.09
C LYS B 84 8.50 11.49 -16.33
N THR B 85 8.46 12.80 -16.08
CA THR B 85 7.34 13.38 -15.35
C THR B 85 6.12 13.55 -16.24
N ARG B 86 6.31 13.81 -17.52
CA ARG B 86 5.21 14.00 -18.46
C ARG B 86 4.46 12.67 -18.79
N ARG B 87 5.21 11.56 -18.68
CA ARG B 87 4.70 10.20 -18.90
C ARG B 87 3.66 9.92 -17.81
N GLN B 88 4.11 9.93 -16.56
CA GLN B 88 3.26 9.74 -15.41
C GLN B 88 2.01 10.58 -15.53
N LEU B 89 2.15 11.82 -15.96
CA LEU B 89 0.99 12.69 -16.11
C LEU B 89 0.00 12.15 -17.13
N ARG B 90 0.50 11.64 -18.24
CA ARG B 90 -0.36 11.09 -19.28
C ARG B 90 -1.04 9.81 -18.82
N GLU B 91 -0.28 8.90 -18.24
CA GLU B 91 -0.83 7.64 -17.75
C GLU B 91 -1.76 7.84 -16.57
N ASN B 92 -1.64 8.95 -15.86
CA ASN B 92 -2.46 9.14 -14.69
C ASN B 92 -3.23 10.42 -14.61
N ALA B 93 -3.65 10.97 -15.74
CA ALA B 93 -4.44 12.20 -15.72
C ALA B 93 -5.06 12.46 -17.07
N GLU B 94 -6.13 13.27 -17.08
CA GLU B 94 -6.81 13.58 -18.33
C GLU B 94 -6.08 14.59 -19.16
N GLU B 95 -5.67 14.16 -20.36
CA GLU B 95 -4.97 15.04 -21.29
C GLU B 95 -6.00 15.95 -21.94
N MET B 96 -5.94 17.23 -21.60
CA MET B 96 -6.87 18.22 -22.15
C MET B 96 -6.25 18.66 -23.46
N GLY B 97 -6.38 19.95 -23.76
CA GLY B 97 -5.79 20.46 -24.99
C GLY B 97 -4.29 20.31 -24.82
N ASN B 98 -3.66 19.66 -25.79
CA ASN B 98 -2.23 19.41 -25.80
C ASN B 98 -1.41 20.28 -24.85
N GLY B 99 -0.72 19.64 -23.90
CA GLY B 99 0.10 20.38 -22.97
C GLY B 99 -0.59 20.76 -21.67
N CYS B 100 -1.64 20.03 -21.32
CA CYS B 100 -2.42 20.24 -20.09
C CYS B 100 -2.88 18.92 -19.50
N PHE B 101 -3.18 18.90 -18.21
CA PHE B 101 -3.63 17.68 -17.56
C PHE B 101 -4.61 17.98 -16.46
N LYS B 102 -5.57 17.08 -16.28
CA LYS B 102 -6.57 17.19 -15.22
C LYS B 102 -6.39 15.97 -14.31
N ILE B 103 -5.81 16.24 -13.15
CA ILE B 103 -5.52 15.21 -12.14
C ILE B 103 -6.72 14.93 -11.24
N TYR B 104 -7.32 13.76 -11.43
CA TYR B 104 -8.47 13.35 -10.65
C TYR B 104 -8.05 12.43 -9.51
N HIS B 105 -8.38 12.82 -8.29
CA HIS B 105 -8.02 12.03 -7.14
C HIS B 105 -9.05 10.94 -6.92
N LYS B 106 -8.57 9.73 -6.71
CA LYS B 106 -9.40 8.56 -6.48
C LYS B 106 -9.81 8.35 -5.02
N CYS B 107 -8.99 8.82 -4.09
CA CYS B 107 -9.27 8.66 -2.68
C CYS B 107 -9.76 9.94 -2.07
N ASP B 108 -11.07 10.02 -1.91
CA ASP B 108 -11.71 11.19 -1.32
C ASP B 108 -11.53 11.23 0.17
N ASN B 109 -12.02 12.30 0.74
CA ASN B 109 -11.97 12.60 2.16
C ASN B 109 -12.42 11.39 3.00
N ALA B 110 -13.57 10.82 2.66
CA ALA B 110 -14.06 9.64 3.38
C ALA B 110 -13.03 8.51 3.32
N CYS B 111 -12.52 8.26 2.12
CA CYS B 111 -11.52 7.21 1.89
C CYS B 111 -10.24 7.55 2.63
N ILE B 112 -9.85 8.81 2.64
CA ILE B 112 -8.62 9.18 3.32
C ILE B 112 -8.79 8.86 4.78
N GLU B 113 -10.04 9.00 5.23
CA GLU B 113 -10.44 8.77 6.62
C GLU B 113 -10.28 7.33 7.07
N SER B 114 -10.82 6.38 6.32
CA SER B 114 -10.71 4.97 6.71
C SER B 114 -9.26 4.70 7.03
N ILE B 115 -8.40 5.47 6.38
CA ILE B 115 -6.96 5.40 6.55
C ILE B 115 -6.63 6.26 7.78
N ARG B 116 -6.94 5.76 8.98
CA ARG B 116 -6.67 6.46 10.24
C ARG B 116 -6.95 5.59 11.47
N ALA C 11 12.07 13.62 13.38
CA ALA C 11 13.16 14.52 12.89
C ALA C 11 12.69 15.98 12.85
N THR C 12 13.63 16.88 12.62
CA THR C 12 13.35 18.31 12.56
C THR C 12 13.58 18.86 11.18
N LEU C 13 13.27 20.13 11.00
CA LEU C 13 13.41 20.78 9.70
C LEU C 13 12.89 22.21 9.79
N CYS C 14 13.74 23.18 9.43
CA CYS C 14 13.35 24.59 9.44
C CYS C 14 13.46 25.19 8.04
N LEU C 15 12.35 25.60 7.45
CA LEU C 15 12.41 26.18 6.12
C LEU C 15 12.41 27.67 6.30
N GLY C 16 11.54 28.35 5.55
CA GLY C 16 11.42 29.81 5.62
C GLY C 16 9.97 30.26 5.75
N SER D 3 -27.14 -51.81 18.98
CA SER D 3 -26.96 -51.43 17.55
C SER D 3 -27.51 -50.05 17.22
N THR D 4 -28.54 -49.61 17.94
CA THR D 4 -29.06 -48.27 17.66
C THR D 4 -28.24 -47.35 18.52
N GLN D 5 -28.09 -47.67 19.80
CA GLN D 5 -27.29 -46.82 20.67
C GLN D 5 -25.89 -46.74 20.12
N ALA D 6 -25.52 -47.80 19.44
CA ALA D 6 -24.20 -47.88 18.83
C ALA D 6 -24.20 -46.88 17.72
N ALA D 7 -25.29 -46.87 16.97
CA ALA D 7 -25.37 -45.99 15.85
C ALA D 7 -25.45 -44.56 16.33
N ILE D 8 -26.14 -44.36 17.45
CA ILE D 8 -26.39 -43.04 18.06
C ILE D 8 -25.16 -42.43 18.71
N ASP D 9 -24.53 -43.19 19.57
CA ASP D 9 -23.36 -42.70 20.25
C ASP D 9 -22.18 -42.55 19.30
N GLN D 10 -22.30 -43.16 18.15
CA GLN D 10 -21.27 -43.03 17.18
C GLN D 10 -21.53 -41.71 16.49
N ILE D 11 -22.77 -41.44 16.12
CA ILE D 11 -23.11 -40.19 15.46
C ILE D 11 -22.67 -39.03 16.34
N ASN D 12 -22.90 -39.15 17.63
CA ASN D 12 -22.51 -38.10 18.56
C ASN D 12 -21.04 -37.83 18.64
N GLY D 13 -20.22 -38.86 18.74
CA GLY D 13 -18.81 -38.63 18.73
C GLY D 13 -18.42 -37.93 17.43
N LYS D 14 -18.96 -38.34 16.29
CA LYS D 14 -18.55 -37.68 15.09
C LYS D 14 -18.89 -36.23 15.15
N LEU D 15 -19.99 -35.92 15.84
CA LEU D 15 -20.48 -34.55 15.93
C LEU D 15 -19.57 -33.75 16.82
N ASN D 16 -19.15 -34.38 17.90
CA ASN D 16 -18.26 -33.69 18.78
C ASN D 16 -16.91 -33.45 18.10
N ARG D 17 -16.55 -34.25 17.10
CA ARG D 17 -15.30 -34.02 16.36
C ARG D 17 -15.47 -32.78 15.51
N VAL D 18 -16.54 -32.74 14.76
CA VAL D 18 -16.86 -31.63 13.88
C VAL D 18 -16.96 -30.37 14.66
N ILE D 19 -17.51 -30.44 15.87
CA ILE D 19 -17.65 -29.27 16.71
C ILE D 19 -16.24 -28.77 17.10
N GLU D 20 -15.33 -29.70 17.48
CA GLU D 20 -13.95 -29.39 17.85
C GLU D 20 -13.12 -28.86 16.68
N LYS D 21 -13.13 -29.56 15.57
CA LYS D 21 -12.39 -29.12 14.41
C LYS D 21 -12.82 -27.77 13.88
N THR D 22 -14.11 -27.50 13.80
CA THR D 22 -14.53 -26.22 13.26
C THR D 22 -14.27 -25.06 14.25
N ASN D 23 -14.33 -25.32 15.54
CA ASN D 23 -14.06 -24.28 16.52
C ASN D 23 -12.58 -23.89 16.37
N GLU D 24 -11.67 -24.88 16.32
CA GLU D 24 -10.22 -24.64 16.12
C GLU D 24 -10.02 -23.81 14.82
N LYS D 25 -10.60 -24.23 13.73
CA LYS D 25 -10.48 -23.52 12.45
C LYS D 25 -11.06 -22.10 12.54
N PHE D 26 -12.02 -21.90 13.43
CA PHE D 26 -12.62 -20.57 13.53
C PHE D 26 -11.67 -19.63 14.30
N HIS D 27 -10.89 -20.19 15.21
CA HIS D 27 -9.89 -19.44 15.94
C HIS D 27 -8.77 -19.07 14.98
N GLN D 28 -8.35 -20.04 14.21
CA GLN D 28 -7.32 -19.81 13.25
C GLN D 28 -7.74 -18.79 12.22
N ILE D 29 -9.02 -18.69 11.87
CA ILE D 29 -9.43 -17.65 10.87
C ILE D 29 -9.39 -16.28 11.60
N GLU D 30 -9.52 -16.30 12.94
CA GLU D 30 -9.42 -15.08 13.73
C GLU D 30 -7.97 -14.57 13.64
N LYS D 31 -6.98 -15.41 14.04
CA LYS D 31 -5.58 -15.01 13.92
C LYS D 31 -5.24 -14.42 12.57
N GLU D 32 -5.64 -15.09 11.51
CA GLU D 32 -5.28 -14.62 10.19
C GLU D 32 -5.89 -13.32 9.88
N PHE D 33 -7.12 -13.09 10.34
CA PHE D 33 -7.73 -11.77 10.10
C PHE D 33 -6.93 -10.69 10.89
N SER D 34 -6.38 -11.02 12.06
CA SER D 34 -5.58 -10.04 12.81
C SER D 34 -4.35 -9.66 12.02
N GLU D 35 -3.60 -10.66 11.53
CA GLU D 35 -2.39 -10.42 10.73
C GLU D 35 -2.68 -9.65 9.48
N VAL D 36 -3.69 -10.05 8.76
CA VAL D 36 -4.01 -9.37 7.54
C VAL D 36 -4.30 -7.97 7.91
N GLU D 37 -4.94 -7.80 9.05
CA GLU D 37 -5.29 -6.47 9.48
C GLU D 37 -4.14 -5.57 9.96
N GLY D 38 -3.18 -6.13 10.68
CA GLY D 38 -2.06 -5.35 11.12
C GLY D 38 -1.19 -5.02 9.93
N ARG D 39 -1.22 -5.90 8.94
CA ARG D 39 -0.44 -5.73 7.74
C ARG D 39 -0.93 -4.52 6.98
N ILE D 40 -2.25 -4.37 6.84
CA ILE D 40 -2.75 -3.20 6.14
C ILE D 40 -2.40 -1.99 6.97
N GLN D 41 -2.40 -2.12 8.30
CA GLN D 41 -2.03 -0.98 9.14
C GLN D 41 -0.61 -0.51 8.86
N ASP D 42 0.37 -1.39 9.05
CA ASP D 42 1.78 -1.08 8.79
C ASP D 42 2.04 -0.54 7.43
N LEU D 43 1.31 -1.04 6.44
CA LEU D 43 1.49 -0.57 5.10
C LEU D 43 0.96 0.84 5.01
N GLU D 44 -0.19 1.13 5.66
CA GLU D 44 -0.78 2.49 5.64
C GLU D 44 0.23 3.50 6.24
N LYS D 45 1.04 3.03 7.20
CA LYS D 45 2.05 3.83 7.87
C LYS D 45 3.22 4.10 6.95
N TYR D 46 3.79 3.02 6.42
CA TYR D 46 4.90 3.08 5.48
C TYR D 46 4.51 4.02 4.36
N VAL D 47 3.28 3.95 3.89
CA VAL D 47 2.89 4.89 2.86
C VAL D 47 2.94 6.32 3.38
N GLU D 48 2.73 6.52 4.68
CA GLU D 48 2.80 7.85 5.30
C GLU D 48 4.22 8.36 5.43
N ASP D 49 5.05 7.69 6.22
CA ASP D 49 6.45 8.10 6.34
C ASP D 49 7.06 8.37 4.96
N THR D 50 6.77 7.47 4.05
CA THR D 50 7.26 7.53 2.70
C THR D 50 6.85 8.80 1.99
N LYS D 51 5.60 9.18 2.12
CA LYS D 51 5.15 10.40 1.45
C LYS D 51 5.72 11.66 2.13
N ILE D 52 5.94 11.59 3.45
CA ILE D 52 6.46 12.77 4.13
C ILE D 52 7.92 13.00 3.77
N ASP D 53 8.76 11.96 3.88
CA ASP D 53 10.17 12.09 3.50
C ASP D 53 10.30 12.59 2.10
N LEU D 54 9.32 12.33 1.27
CA LEU D 54 9.47 12.83 -0.06
C LEU D 54 9.08 14.30 -0.15
N TRP D 55 8.19 14.79 0.70
CA TRP D 55 7.86 16.21 0.61
C TRP D 55 8.83 17.10 1.39
N SER D 56 9.46 16.56 2.44
CA SER D 56 10.47 17.34 3.13
C SER D 56 11.51 17.68 2.06
N TYR D 57 12.09 16.63 1.48
CA TYR D 57 13.10 16.76 0.42
C TYR D 57 12.69 17.83 -0.53
N ASN D 58 11.51 17.74 -1.12
CA ASN D 58 11.10 18.77 -2.06
C ASN D 58 11.28 20.14 -1.42
N ALA D 59 10.67 20.37 -0.26
CA ALA D 59 10.73 21.66 0.46
C ALA D 59 12.18 22.08 0.59
N GLU D 60 12.99 21.20 1.22
CA GLU D 60 14.41 21.47 1.37
C GLU D 60 15.06 21.81 0.01
N LEU D 61 14.69 21.12 -1.07
CA LEU D 61 15.24 21.46 -2.37
C LEU D 61 14.91 22.94 -2.57
N LEU D 62 13.63 23.30 -2.51
CA LEU D 62 13.22 24.69 -2.69
C LEU D 62 14.00 25.71 -1.87
N VAL D 63 14.43 25.30 -0.69
CA VAL D 63 15.19 26.13 0.21
C VAL D 63 16.64 26.29 -0.21
N ALA D 64 17.35 25.18 -0.38
CA ALA D 64 18.74 25.22 -0.82
C ALA D 64 18.89 26.06 -2.08
N LEU D 65 17.89 26.04 -2.95
CA LEU D 65 17.94 26.84 -4.17
C LEU D 65 17.75 28.34 -3.86
N GLU D 66 17.15 28.64 -2.70
CA GLU D 66 16.96 30.02 -2.30
C GLU D 66 18.22 30.55 -1.65
N ASN D 67 18.86 29.80 -0.79
CA ASN D 67 20.11 30.27 -0.20
C ASN D 67 21.26 30.36 -1.20
N GLN D 68 20.94 30.53 -2.47
CA GLN D 68 21.94 30.62 -3.50
C GLN D 68 21.34 31.52 -4.56
N HIS D 69 20.20 32.08 -4.21
CA HIS D 69 19.56 33.05 -5.04
C HIS D 69 19.23 32.53 -6.43
N THR D 70 19.11 31.21 -6.57
CA THR D 70 18.75 30.67 -7.88
C THR D 70 17.28 30.98 -8.22
N ILE D 71 16.44 30.98 -7.19
CA ILE D 71 15.00 31.24 -7.28
C ILE D 71 14.56 32.10 -6.10
N ASP D 72 13.48 32.85 -6.29
CA ASP D 72 12.97 33.68 -5.21
C ASP D 72 11.63 33.11 -4.80
N LEU D 73 11.58 32.50 -3.61
CA LEU D 73 10.37 31.87 -3.12
C LEU D 73 9.17 32.74 -2.98
N THR D 74 9.31 33.99 -3.38
CA THR D 74 8.23 34.94 -3.29
C THR D 74 7.54 35.21 -4.63
N ASP D 75 8.12 34.73 -5.73
CA ASP D 75 7.50 34.93 -7.03
C ASP D 75 6.21 34.12 -7.05
N SER D 76 5.29 34.51 -7.92
CA SER D 76 4.03 33.82 -8.08
C SER D 76 4.23 32.32 -8.17
N GLU D 77 4.73 31.88 -9.31
CA GLU D 77 4.93 30.47 -9.57
C GLU D 77 5.86 29.74 -8.62
N MET D 78 7.01 30.29 -8.30
CA MET D 78 7.89 29.57 -7.42
C MET D 78 7.32 29.48 -6.04
N ASN D 79 6.36 30.35 -5.73
CA ASN D 79 5.73 30.32 -4.41
C ASN D 79 4.67 29.23 -4.36
N LYS D 80 3.81 29.15 -5.37
CA LYS D 80 2.77 28.11 -5.47
C LYS D 80 3.42 26.78 -5.06
N LEU D 81 4.58 26.51 -5.66
CA LEU D 81 5.35 25.32 -5.37
C LEU D 81 5.69 25.25 -3.91
N PHE D 82 6.20 26.33 -3.35
CA PHE D 82 6.57 26.32 -1.93
C PHE D 82 5.39 26.01 -1.05
N GLU D 83 4.24 26.55 -1.42
CA GLU D 83 3.03 26.34 -0.67
C GLU D 83 2.60 24.91 -0.62
N LYS D 84 2.73 24.21 -1.76
CA LYS D 84 2.37 22.80 -1.86
C LYS D 84 3.13 21.93 -0.88
N THR D 85 4.42 22.16 -0.77
CA THR D 85 5.23 21.34 0.12
C THR D 85 5.02 21.77 1.56
N ARG D 86 4.66 23.04 1.73
CA ARG D 86 4.43 23.64 3.04
C ARG D 86 3.23 22.96 3.70
N ARG D 87 2.12 22.90 2.96
CA ARG D 87 0.90 22.26 3.38
C ARG D 87 1.23 20.85 3.87
N GLN D 88 1.60 19.98 2.95
CA GLN D 88 1.97 18.61 3.29
C GLN D 88 2.78 18.54 4.57
N LEU D 89 3.68 19.49 4.80
CA LEU D 89 4.47 19.45 6.03
C LEU D 89 3.62 19.81 7.26
N ARG D 90 2.77 20.82 7.12
CA ARG D 90 1.86 21.20 8.19
C ARG D 90 0.99 19.95 8.37
N GLU D 91 0.17 19.68 7.35
CA GLU D 91 -0.72 18.53 7.32
C GLU D 91 -0.13 17.23 7.89
N ASN D 92 1.18 17.03 7.77
CA ASN D 92 1.76 15.77 8.24
C ASN D 92 2.95 15.87 9.17
N ALA D 93 3.21 17.02 9.74
CA ALA D 93 4.34 17.08 10.66
C ALA D 93 4.04 18.01 11.82
N GLU D 94 4.83 17.91 12.87
CA GLU D 94 4.62 18.77 14.01
C GLU D 94 5.02 20.16 13.61
N GLU D 95 3.99 20.93 13.24
CA GLU D 95 4.13 22.31 12.82
C GLU D 95 4.53 23.18 14.03
N MET D 96 5.81 23.14 14.35
CA MET D 96 6.30 23.93 15.44
C MET D 96 6.48 25.30 14.81
N GLY D 97 6.73 26.33 15.63
CA GLY D 97 6.85 27.69 15.11
C GLY D 97 8.08 28.05 14.29
N ASN D 98 7.91 29.10 13.48
CA ASN D 98 8.93 29.67 12.60
C ASN D 98 9.46 28.77 11.50
N GLY D 99 8.53 28.14 10.80
CA GLY D 99 8.92 27.30 9.69
C GLY D 99 9.78 26.14 10.13
N CYS D 100 9.56 25.69 11.35
CA CYS D 100 10.30 24.53 11.78
C CYS D 100 9.23 23.46 11.90
N PHE D 101 9.64 22.21 11.71
CA PHE D 101 8.71 21.11 11.78
C PHE D 101 9.38 19.88 12.30
N LYS D 102 8.57 19.07 12.96
CA LYS D 102 9.07 17.81 13.48
C LYS D 102 8.39 16.70 12.66
N ILE D 103 9.20 15.98 11.88
CA ILE D 103 8.72 14.88 11.04
C ILE D 103 8.64 13.64 11.90
N TYR D 104 7.42 13.13 12.08
CA TYR D 104 7.19 11.91 12.88
C TYR D 104 7.01 10.61 12.08
N HIS D 105 7.82 9.60 12.36
CA HIS D 105 7.68 8.38 11.60
C HIS D 105 6.86 7.32 12.26
N LYS D 106 5.66 7.12 11.70
CA LYS D 106 4.67 6.15 12.17
C LYS D 106 5.04 4.67 12.01
N CYS D 107 5.72 4.35 10.91
CA CYS D 107 6.11 2.98 10.67
C CYS D 107 7.45 2.70 11.30
N ASP D 108 7.44 2.01 12.42
CA ASP D 108 8.67 1.71 13.11
C ASP D 108 9.58 0.81 12.33
N ASN D 109 10.68 0.39 12.95
CA ASN D 109 11.62 -0.48 12.28
C ASN D 109 11.01 -1.81 11.95
N ALA D 110 10.55 -2.53 12.98
CA ALA D 110 9.92 -3.84 12.76
C ALA D 110 8.67 -3.75 11.87
N CYS D 111 7.99 -2.61 11.89
CA CYS D 111 6.85 -2.41 11.01
C CYS D 111 7.44 -2.56 9.62
N ILE D 112 8.63 -2.00 9.38
CA ILE D 112 9.24 -2.14 8.05
C ILE D 112 9.75 -3.55 7.76
N GLU D 113 9.88 -4.39 8.77
CA GLU D 113 10.32 -5.76 8.51
C GLU D 113 9.05 -6.50 8.06
N SER D 114 7.96 -6.29 8.79
CA SER D 114 6.67 -6.90 8.51
C SER D 114 6.28 -6.67 7.08
N ILE D 115 6.39 -5.44 6.62
CA ILE D 115 6.04 -5.16 5.24
C ILE D 115 6.93 -6.05 4.38
N ARG D 116 8.25 -5.78 4.44
CA ARG D 116 9.25 -6.51 3.67
C ARG D 116 9.23 -8.04 3.78
N ASN D 117 8.68 -8.55 4.87
CA ASN D 117 8.59 -10.00 5.08
C ASN D 117 7.13 -10.43 5.15
N GLY D 118 6.58 -10.86 4.02
CA GLY D 118 5.20 -11.28 4.00
C GLY D 118 4.87 -12.55 4.77
N THR D 119 5.18 -12.59 6.06
CA THR D 119 4.90 -13.75 6.89
C THR D 119 3.45 -13.76 7.36
N TYR D 120 2.66 -14.72 6.86
CA TYR D 120 1.26 -14.90 7.26
C TYR D 120 1.11 -16.35 7.70
N ASP D 121 0.63 -16.56 8.92
CA ASP D 121 0.42 -17.93 9.38
C ASP D 121 -0.94 -18.29 8.77
N HIS D 122 -0.89 -18.84 7.56
CA HIS D 122 -2.08 -19.21 6.80
C HIS D 122 -2.45 -20.66 7.08
N ASP D 123 -3.52 -20.87 7.82
CA ASP D 123 -4.00 -22.22 8.15
C ASP D 123 -4.69 -22.90 6.97
N VAL D 124 -4.51 -24.20 6.87
CA VAL D 124 -5.18 -24.99 5.86
C VAL D 124 -5.78 -26.16 6.62
N TYR D 125 -7.11 -26.17 6.60
CA TYR D 125 -7.98 -27.16 7.23
C TYR D 125 -7.84 -28.49 6.47
N THR E 10 14.51 -4.24 -13.54
CA THR E 10 15.86 -3.84 -13.01
C THR E 10 16.63 -2.87 -13.94
N ALA E 11 17.48 -2.02 -13.33
CA ALA E 11 18.27 -1.05 -14.06
C ALA E 11 19.37 -0.58 -13.16
N THR E 12 20.48 -0.16 -13.75
CA THR E 12 21.63 0.37 -13.01
C THR E 12 21.51 1.87 -13.17
N LEU E 13 21.87 2.61 -12.11
CA LEU E 13 21.80 4.07 -12.11
C LEU E 13 23.12 4.48 -11.54
N CYS E 14 23.85 5.28 -12.31
CA CYS E 14 25.16 5.79 -11.91
C CYS E 14 25.14 7.29 -11.68
N LEU E 15 25.90 7.73 -10.68
CA LEU E 15 26.00 9.14 -10.32
C LEU E 15 26.93 9.16 -9.14
N GLY E 16 28.23 9.33 -9.38
CA GLY E 16 29.15 9.27 -8.25
C GLY E 16 30.11 10.41 -8.01
N HIS E 17 30.33 10.74 -6.74
CA HIS E 17 31.24 11.82 -6.37
C HIS E 17 32.26 11.20 -5.42
N SER F 3 -38.48 -46.92 10.43
CA SER F 3 -38.35 -45.55 10.97
C SER F 3 -37.02 -45.38 11.67
N THR F 4 -36.79 -45.98 12.85
CA THR F 4 -35.47 -45.76 13.51
C THR F 4 -34.28 -45.76 12.57
N GLN F 5 -34.13 -46.79 11.75
CA GLN F 5 -33.04 -46.84 10.78
C GLN F 5 -33.11 -45.65 9.84
N ALA F 6 -34.31 -45.26 9.44
CA ALA F 6 -34.42 -44.12 8.55
C ALA F 6 -34.16 -42.82 9.34
N ALA F 7 -34.53 -42.78 10.60
CA ALA F 7 -34.30 -41.63 11.46
C ALA F 7 -32.80 -41.51 11.47
N ILE F 8 -32.11 -42.59 11.81
CA ILE F 8 -30.66 -42.63 11.85
C ILE F 8 -29.94 -42.37 10.53
N ASP F 9 -30.57 -42.72 9.43
CA ASP F 9 -29.94 -42.46 8.16
C ASP F 9 -30.02 -40.99 7.92
N GLN F 10 -31.08 -40.36 8.43
CA GLN F 10 -31.28 -38.94 8.22
C GLN F 10 -30.30 -38.11 9.00
N ILE F 11 -30.14 -38.46 10.25
CA ILE F 11 -29.19 -37.82 11.12
C ILE F 11 -27.85 -37.89 10.40
N ASN F 12 -27.36 -39.08 10.07
CA ASN F 12 -26.08 -39.14 9.40
C ASN F 12 -26.01 -38.50 8.06
N GLY F 13 -27.08 -38.47 7.30
CA GLY F 13 -26.95 -37.81 6.03
C GLY F 13 -26.96 -36.30 6.18
N LYS F 14 -27.52 -35.79 7.27
CA LYS F 14 -27.59 -34.36 7.50
C LYS F 14 -26.24 -33.96 8.06
N LEU F 15 -25.72 -34.75 9.00
CA LEU F 15 -24.42 -34.48 9.60
C LEU F 15 -23.31 -34.44 8.59
N ASN F 16 -23.38 -35.30 7.59
CA ASN F 16 -22.36 -35.31 6.56
C ASN F 16 -22.59 -34.18 5.59
N ARG F 17 -23.82 -33.66 5.58
CA ARG F 17 -24.18 -32.53 4.71
C ARG F 17 -23.49 -31.28 5.27
N VAL F 18 -23.44 -31.23 6.59
CA VAL F 18 -22.86 -30.17 7.37
C VAL F 18 -21.41 -30.34 7.10
N ILE F 19 -20.82 -31.46 7.54
CA ILE F 19 -19.41 -31.69 7.28
C ILE F 19 -18.95 -31.37 5.84
N GLU F 20 -19.69 -31.79 4.85
CA GLU F 20 -19.29 -31.50 3.50
C GLU F 20 -19.28 -30.00 3.34
N LYS F 21 -20.35 -29.33 3.75
CA LYS F 21 -20.49 -27.85 3.61
C LYS F 21 -19.53 -26.98 4.44
N THR F 22 -19.26 -27.33 5.70
CA THR F 22 -18.28 -26.53 6.41
C THR F 22 -17.00 -26.67 5.60
N ASN F 23 -16.48 -27.90 5.44
CA ASN F 23 -15.28 -28.14 4.64
C ASN F 23 -15.12 -27.38 3.34
N GLU F 24 -16.16 -27.23 2.54
CA GLU F 24 -15.97 -26.50 1.33
C GLU F 24 -15.81 -25.05 1.62
N LYS F 25 -16.60 -24.56 2.59
CA LYS F 25 -16.55 -23.15 2.98
C LYS F 25 -15.17 -22.84 3.56
N PHE F 26 -14.71 -23.65 4.48
CA PHE F 26 -13.40 -23.46 5.01
C PHE F 26 -12.40 -23.36 3.87
N HIS F 27 -12.65 -24.08 2.79
CA HIS F 27 -11.75 -24.06 1.64
C HIS F 27 -11.88 -22.77 0.84
N GLN F 28 -13.08 -22.25 0.74
CA GLN F 28 -13.21 -21.01 0.04
C GLN F 28 -12.66 -19.87 0.91
N ILE F 29 -12.66 -20.06 2.22
CA ILE F 29 -12.19 -19.04 3.17
C ILE F 29 -10.68 -18.95 2.98
N GLU F 30 -10.00 -20.11 2.96
CA GLU F 30 -8.54 -20.16 2.74
C GLU F 30 -8.13 -19.53 1.41
N LYS F 31 -8.92 -19.74 0.37
CA LYS F 31 -8.62 -19.18 -0.92
C LYS F 31 -8.67 -17.69 -0.82
N GLU F 32 -9.70 -17.17 -0.16
CA GLU F 32 -9.85 -15.75 -0.03
C GLU F 32 -8.72 -15.18 0.82
N PHE F 33 -8.29 -15.88 1.86
CA PHE F 33 -7.17 -15.38 2.62
C PHE F 33 -5.97 -15.22 1.71
N SER F 34 -5.79 -16.15 0.77
CA SER F 34 -4.69 -16.00 -0.16
C SER F 34 -4.86 -14.91 -1.20
N GLU F 35 -6.05 -14.71 -1.75
CA GLU F 35 -6.23 -13.61 -2.68
C GLU F 35 -5.87 -12.30 -1.98
N VAL F 36 -6.35 -12.14 -0.74
CA VAL F 36 -6.15 -10.94 0.10
C VAL F 36 -4.70 -10.72 0.43
N GLU F 37 -4.10 -11.69 1.10
CA GLU F 37 -2.72 -11.59 1.48
C GLU F 37 -1.86 -11.38 0.24
N GLY F 38 -2.39 -11.81 -0.90
CA GLY F 38 -1.70 -11.63 -2.14
C GLY F 38 -1.83 -10.21 -2.60
N ARG F 39 -3.00 -9.58 -2.54
CA ARG F 39 -3.12 -8.19 -2.96
C ARG F 39 -2.35 -7.29 -2.05
N ILE F 40 -2.17 -7.66 -0.78
CA ILE F 40 -1.40 -6.81 0.13
C ILE F 40 0.09 -6.78 -0.23
N GLN F 41 0.64 -7.87 -0.72
CA GLN F 41 2.05 -7.89 -1.09
C GLN F 41 2.24 -7.14 -2.40
N ASP F 42 1.30 -7.28 -3.30
CA ASP F 42 1.39 -6.55 -4.56
C ASP F 42 1.41 -5.06 -4.26
N LEU F 43 0.63 -4.63 -3.27
CA LEU F 43 0.57 -3.23 -2.86
C LEU F 43 1.89 -2.84 -2.22
N GLU F 44 2.45 -3.69 -1.37
CA GLU F 44 3.72 -3.36 -0.74
C GLU F 44 4.77 -3.12 -1.84
N LYS F 45 4.81 -4.01 -2.84
CA LYS F 45 5.78 -3.97 -3.94
C LYS F 45 5.63 -2.76 -4.78
N TYR F 46 4.41 -2.43 -5.13
CA TYR F 46 4.16 -1.27 -5.96
C TYR F 46 4.47 -0.01 -5.17
N VAL F 47 4.42 -0.10 -3.84
CA VAL F 47 4.75 1.05 -3.02
C VAL F 47 6.27 1.25 -3.11
N GLU F 48 7.04 0.17 -2.90
CA GLU F 48 8.52 0.22 -3.02
C GLU F 48 8.96 0.78 -4.34
N ASP F 49 8.45 0.23 -5.42
CA ASP F 49 8.81 0.71 -6.73
C ASP F 49 8.38 2.13 -6.88
N THR F 50 7.15 2.47 -6.47
CA THR F 50 6.67 3.85 -6.59
C THR F 50 7.64 4.80 -5.86
N LYS F 51 8.14 4.35 -4.71
CA LYS F 51 9.04 5.14 -3.91
C LYS F 51 10.35 5.33 -4.63
N ILE F 52 11.05 4.22 -4.84
CA ILE F 52 12.35 4.18 -5.50
C ILE F 52 12.37 4.93 -6.81
N ASP F 53 11.26 4.94 -7.49
CA ASP F 53 11.23 5.68 -8.70
C ASP F 53 11.40 7.12 -8.33
N LEU F 54 10.58 7.65 -7.43
CA LEU F 54 10.68 9.04 -7.03
C LEU F 54 12.04 9.36 -6.39
N TRP F 55 12.63 8.47 -5.62
CA TRP F 55 13.90 8.84 -5.06
C TRP F 55 14.99 8.89 -6.06
N SER F 56 15.02 7.94 -6.98
CA SER F 56 16.07 7.93 -8.00
C SER F 56 15.91 9.14 -8.91
N TYR F 57 14.67 9.52 -9.22
CA TYR F 57 14.44 10.73 -10.05
C TYR F 57 15.10 11.92 -9.35
N ASN F 58 15.00 11.97 -8.02
CA ASN F 58 15.60 13.03 -7.19
C ASN F 58 17.12 13.09 -7.46
N ALA F 59 17.78 11.94 -7.30
CA ALA F 59 19.23 11.85 -7.51
C ALA F 59 19.64 12.18 -8.94
N GLU F 60 18.79 11.92 -9.89
CA GLU F 60 19.14 12.23 -11.24
C GLU F 60 18.95 13.72 -11.51
N LEU F 61 18.02 14.39 -10.83
CA LEU F 61 17.85 15.83 -11.08
C LEU F 61 18.99 16.59 -10.42
N LEU F 62 19.50 16.07 -9.30
CA LEU F 62 20.61 16.73 -8.66
C LEU F 62 21.74 16.79 -9.69
N VAL F 63 22.00 15.64 -10.30
CA VAL F 63 23.02 15.44 -11.34
C VAL F 63 22.80 16.21 -12.64
N ALA F 64 21.60 16.18 -13.16
CA ALA F 64 21.31 16.92 -14.38
C ALA F 64 21.38 18.41 -14.13
N LEU F 65 21.23 18.85 -12.87
CA LEU F 65 21.29 20.29 -12.52
C LEU F 65 22.75 20.69 -12.44
N GLU F 66 23.56 19.88 -11.74
CA GLU F 66 24.98 20.15 -11.65
C GLU F 66 25.51 20.33 -13.09
N ASN F 67 25.17 19.38 -13.96
CA ASN F 67 25.63 19.46 -15.34
C ASN F 67 25.17 20.73 -16.01
N GLN F 68 23.96 21.22 -15.74
CA GLN F 68 23.54 22.49 -16.36
C GLN F 68 24.19 23.62 -15.55
N HIS F 69 24.98 23.19 -14.58
CA HIS F 69 25.68 24.09 -13.68
C HIS F 69 24.79 24.85 -12.72
N THR F 70 23.51 24.49 -12.67
CA THR F 70 22.59 25.18 -11.81
C THR F 70 22.89 24.99 -10.35
N ILE F 71 23.76 24.06 -10.02
CA ILE F 71 24.04 23.83 -8.61
C ILE F 71 25.36 23.16 -8.61
N ASP F 72 25.91 22.89 -7.44
CA ASP F 72 27.20 22.25 -7.36
C ASP F 72 27.10 21.36 -6.16
N LEU F 73 27.12 20.06 -6.40
CA LEU F 73 26.97 19.10 -5.32
C LEU F 73 28.10 19.08 -4.34
N THR F 74 28.98 20.08 -4.42
CA THR F 74 30.05 20.21 -3.43
C THR F 74 29.57 21.16 -2.32
N ASP F 75 28.71 22.11 -2.67
CA ASP F 75 28.13 23.05 -1.72
C ASP F 75 27.49 22.20 -0.65
N SER F 76 27.95 22.32 0.59
CA SER F 76 27.43 21.54 1.71
C SER F 76 25.91 21.31 1.75
N GLU F 77 25.11 22.35 1.53
CA GLU F 77 23.66 22.24 1.57
C GLU F 77 23.12 21.30 0.49
N MET F 78 23.60 21.45 -0.75
CA MET F 78 23.18 20.59 -1.86
C MET F 78 23.80 19.22 -1.72
N ASN F 79 25.04 19.12 -1.28
CA ASN F 79 25.64 17.81 -1.09
C ASN F 79 24.86 17.02 -0.06
N LYS F 80 24.24 17.70 0.90
CA LYS F 80 23.43 17.01 1.92
C LYS F 80 22.21 16.41 1.21
N LEU F 81 21.52 17.22 0.42
CA LEU F 81 20.40 16.77 -0.35
C LEU F 81 20.77 15.48 -1.09
N PHE F 82 21.89 15.52 -1.81
CA PHE F 82 22.38 14.40 -2.56
C PHE F 82 22.66 13.22 -1.64
N GLU F 83 23.30 13.42 -0.50
CA GLU F 83 23.52 12.25 0.35
C GLU F 83 22.23 11.74 0.92
N LYS F 84 21.16 12.51 0.75
CA LYS F 84 19.85 12.09 1.22
C LYS F 84 19.34 11.05 0.24
N THR F 85 19.24 11.41 -1.04
CA THR F 85 18.77 10.49 -2.08
C THR F 85 19.71 9.30 -2.09
N ARG F 86 21.00 9.54 -1.99
CA ARG F 86 21.90 8.42 -2.02
C ARG F 86 21.59 7.38 -0.94
N ARG F 87 21.03 7.78 0.21
CA ARG F 87 20.72 6.84 1.31
C ARG F 87 19.39 6.10 1.13
N GLN F 88 18.52 6.68 0.31
CA GLN F 88 17.25 6.07 -0.01
C GLN F 88 17.55 4.96 -1.02
N LEU F 89 18.39 5.26 -2.01
CA LEU F 89 18.78 4.30 -3.03
C LEU F 89 19.62 3.23 -2.35
N ARG F 90 20.69 3.65 -1.72
CA ARG F 90 21.60 2.74 -1.03
C ARG F 90 20.87 1.75 -0.12
N GLU F 91 19.67 2.12 0.27
CA GLU F 91 18.84 1.32 1.16
C GLU F 91 17.98 0.33 0.38
N ASN F 92 17.13 0.88 -0.48
CA ASN F 92 16.21 0.15 -1.33
C ASN F 92 16.80 -0.19 -2.70
N ALA F 93 18.09 -0.48 -2.72
CA ALA F 93 18.77 -0.81 -3.97
C ALA F 93 20.19 -1.27 -3.71
N GLU F 94 20.72 -1.97 -4.70
CA GLU F 94 22.02 -2.57 -4.68
C GLU F 94 23.11 -1.56 -4.96
N GLU F 95 23.88 -1.18 -3.95
CA GLU F 95 24.95 -0.25 -4.21
C GLU F 95 26.13 -1.00 -4.85
N MET F 96 26.41 -0.65 -6.10
CA MET F 96 27.48 -1.24 -6.87
C MET F 96 28.85 -0.96 -6.26
N GLY F 97 29.06 0.27 -5.78
CA GLY F 97 30.33 0.61 -5.18
C GLY F 97 31.04 1.80 -5.79
N ASN F 98 30.85 2.01 -7.08
CA ASN F 98 31.47 3.13 -7.75
C ASN F 98 30.48 4.29 -7.94
N GLY F 99 29.42 4.31 -7.14
CA GLY F 99 28.41 5.36 -7.28
C GLY F 99 27.33 4.99 -8.30
N CYS F 100 27.28 3.71 -8.61
CA CYS F 100 26.28 3.16 -9.53
C CYS F 100 25.43 2.34 -8.58
N PHE F 101 24.14 2.29 -8.86
CA PHE F 101 23.20 1.59 -8.02
C PHE F 101 22.38 0.73 -8.90
N LYS F 102 22.17 -0.50 -8.46
CA LYS F 102 21.36 -1.44 -9.21
C LYS F 102 19.99 -1.38 -8.62
N ILE F 103 19.07 -0.81 -9.39
CA ILE F 103 17.70 -0.66 -8.96
C ILE F 103 16.77 -1.81 -9.46
N TYR F 104 16.28 -2.64 -8.53
CA TYR F 104 15.38 -3.75 -8.82
C TYR F 104 13.94 -3.27 -8.78
N HIS F 105 13.09 -3.77 -9.66
CA HIS F 105 11.69 -3.36 -9.64
C HIS F 105 10.79 -4.52 -9.33
N LYS F 106 10.35 -4.55 -8.07
CA LYS F 106 9.52 -5.59 -7.50
C LYS F 106 8.08 -5.87 -7.97
N CYS F 107 7.39 -4.91 -8.54
CA CYS F 107 6.03 -5.19 -8.96
C CYS F 107 5.92 -5.14 -10.45
N ASP F 108 5.80 -6.33 -11.04
CA ASP F 108 5.67 -6.49 -12.49
C ASP F 108 4.31 -6.10 -13.07
N ASN F 109 4.18 -6.22 -14.38
CA ASN F 109 2.98 -5.84 -15.06
C ASN F 109 1.80 -6.66 -14.64
N ALA F 110 2.07 -7.90 -14.26
CA ALA F 110 1.00 -8.76 -13.79
C ALA F 110 0.52 -8.19 -12.44
N CYS F 111 1.45 -8.10 -11.46
CA CYS F 111 1.18 -7.54 -10.13
C CYS F 111 0.49 -6.17 -10.23
N ILE F 112 1.05 -5.27 -11.02
CA ILE F 112 0.48 -3.95 -11.23
C ILE F 112 -0.95 -4.02 -11.73
N GLU F 113 -1.29 -5.08 -12.45
CA GLU F 113 -2.65 -5.25 -12.99
C GLU F 113 -3.66 -5.50 -11.89
N SER F 114 -3.30 -6.37 -10.95
CA SER F 114 -4.14 -6.72 -9.82
C SER F 114 -4.54 -5.43 -9.11
N ILE F 115 -3.56 -4.54 -8.98
CA ILE F 115 -3.71 -3.22 -8.34
C ILE F 115 -4.79 -2.42 -9.07
N ARG F 116 -5.21 -2.90 -10.24
CA ARG F 116 -6.24 -2.25 -11.03
C ARG F 116 -7.51 -3.08 -11.03
N ASN F 117 -7.34 -4.37 -11.31
CA ASN F 117 -8.42 -5.35 -11.37
C ASN F 117 -9.43 -5.29 -10.21
N GLY F 118 -8.92 -5.27 -8.98
CA GLY F 118 -9.78 -5.20 -7.81
C GLY F 118 -10.69 -6.39 -7.58
N THR F 119 -10.19 -7.56 -7.97
CA THR F 119 -10.91 -8.81 -7.85
C THR F 119 -10.66 -9.68 -6.62
N TYR F 120 -11.74 -10.19 -6.06
CA TYR F 120 -11.71 -11.10 -4.93
C TYR F 120 -12.99 -11.87 -5.10
N ASP F 121 -12.87 -13.12 -5.52
CA ASP F 121 -14.05 -13.94 -5.66
C ASP F 121 -14.51 -14.08 -4.23
N HIS F 122 -15.26 -13.09 -3.77
CA HIS F 122 -15.77 -13.02 -2.42
C HIS F 122 -16.90 -14.03 -2.27
N ASP F 123 -16.63 -15.13 -1.56
CA ASP F 123 -17.64 -16.17 -1.37
C ASP F 123 -18.77 -15.80 -0.43
N VAL F 124 -19.95 -16.34 -0.72
CA VAL F 124 -21.13 -16.15 0.10
C VAL F 124 -21.79 -17.53 0.23
N TYR F 125 -21.70 -18.07 1.44
CA TYR F 125 -22.22 -19.38 1.83
C TYR F 125 -23.74 -19.36 1.88
#